data_3B5R
#
_entry.id   3B5R
#
_cell.length_a   54.889
_cell.length_b   66.803
_cell.length_c   69.159
_cell.angle_alpha   90.00
_cell.angle_beta   90.00
_cell.angle_gamma   90.00
#
_symmetry.space_group_name_H-M   'P 21 21 21'
#
loop_
_entity.id
_entity.type
_entity.pdbx_description
1 polymer 'Androgen receptor'
2 non-polymer (2S)-3-(4-chloro-3-fluorophenoxy)-N-[4-cyano-3-(trifluoromethyl)phenyl]-2-hydroxy-2-methylpropanamide
3 water water
#
_entity_poly.entity_id   1
_entity_poly.type   'polypeptide(L)'
_entity_poly.pdbx_seq_one_letter_code
;PIFLNVLEAIEPGVVCAGHDNNQPDSFAALLSSLNELGERQLVHVVKWAKALPGFRNLHVDDQMAVIQYSWMGLMVFAMG
WRSFTNVNSRMLYFAPDLVFNEYRMHKSRMYSQCVRMRHLSQEFGWLQITPQEFLCMKALLLFSIIPVDGLKNQKFFDEL
RMNYIKELDRIIACKRKNPTSCSRRFYQLTKLLDSVQPIARELHQFTFDLLIKSHMVSVDFPEMMAEIISVQVPKILSGK
VKPIYFHTQ
;
_entity_poly.pdbx_strand_id   A
#
loop_
_chem_comp.id
_chem_comp.type
_chem_comp.name
_chem_comp.formula
B5R non-polymer (2S)-3-(4-chloro-3-fluorophenoxy)-N-[4-cyano-3-(trifluoromethyl)phenyl]-2-hydroxy-2-methylpropanamide 'C18 H13 Cl F4 N2 O3'
#
# COMPACT_ATOMS: atom_id res chain seq x y z
N PRO A 1 20.27 15.10 6.24
CA PRO A 1 19.15 14.32 5.65
C PRO A 1 18.42 13.61 6.79
N ILE A 2 18.01 14.38 7.78
CA ILE A 2 17.31 13.83 8.95
C ILE A 2 16.04 13.06 8.60
N PHE A 3 15.20 13.65 7.77
CA PHE A 3 13.95 13.04 7.37
C PHE A 3 14.14 11.69 6.65
N LEU A 4 15.05 11.63 5.69
CA LEU A 4 15.28 10.38 4.96
C LEU A 4 15.98 9.35 5.83
N ASN A 5 16.80 9.83 6.77
CA ASN A 5 17.49 8.94 7.68
C ASN A 5 16.43 8.18 8.47
N VAL A 6 15.39 8.89 8.87
CA VAL A 6 14.31 8.29 9.63
C VAL A 6 13.51 7.28 8.80
N LEU A 7 13.14 7.65 7.59
CA LEU A 7 12.38 6.76 6.74
C LEU A 7 13.13 5.46 6.45
N GLU A 8 14.43 5.56 6.18
CA GLU A 8 15.22 4.37 5.90
C GLU A 8 15.29 3.52 7.16
N ALA A 9 15.51 4.17 8.29
CA ALA A 9 15.65 3.50 9.58
C ALA A 9 14.43 2.69 10.02
N ILE A 10 13.22 3.14 9.67
CA ILE A 10 12.00 2.43 10.09
C ILE A 10 11.36 1.52 9.05
N GLU A 11 11.96 1.44 7.88
CA GLU A 11 11.44 0.61 6.78
C GLU A 11 11.42 -0.87 7.18
N PRO A 12 10.22 -1.47 7.21
CA PRO A 12 10.09 -2.89 7.59
C PRO A 12 11.04 -3.78 6.82
N GLY A 13 11.44 -4.87 7.46
CA GLY A 13 12.33 -5.83 6.82
C GLY A 13 11.48 -6.87 6.12
N VAL A 14 12.09 -8.00 5.78
CA VAL A 14 11.40 -9.07 5.08
C VAL A 14 10.28 -9.72 5.90
N VAL A 15 9.14 -9.94 5.27
CA VAL A 15 8.00 -10.58 5.92
C VAL A 15 7.57 -11.75 5.05
N CYS A 16 7.55 -12.94 5.62
CA CYS A 16 7.18 -14.14 4.89
C CYS A 16 5.72 -14.49 5.16
N ALA A 17 5.10 -15.23 4.24
CA ALA A 17 3.70 -15.61 4.37
C ALA A 17 3.49 -16.94 5.11
N GLY A 18 4.47 -17.83 5.01
CA GLY A 18 4.36 -19.12 5.67
C GLY A 18 3.63 -20.12 4.78
N HIS A 19 3.59 -19.79 3.49
CA HIS A 19 2.93 -20.61 2.48
C HIS A 19 3.66 -21.93 2.22
N ASP A 20 2.91 -22.96 1.83
CA ASP A 20 3.53 -24.26 1.52
C ASP A 20 3.69 -24.36 0.01
N ASN A 21 4.90 -24.11 -0.46
CA ASN A 21 5.18 -24.15 -1.88
C ASN A 21 5.45 -25.54 -2.47
N ASN A 22 5.38 -26.56 -1.63
CA ASN A 22 5.60 -27.93 -2.09
C ASN A 22 4.24 -28.53 -2.44
N GLN A 23 3.19 -27.75 -2.17
CA GLN A 23 1.82 -28.17 -2.40
C GLN A 23 1.30 -27.57 -3.71
N PRO A 24 0.59 -28.37 -4.52
CA PRO A 24 0.03 -27.88 -5.79
C PRO A 24 -0.82 -26.65 -5.49
N ASP A 25 -0.75 -25.63 -6.34
CA ASP A 25 -1.53 -24.41 -6.14
C ASP A 25 -3.03 -24.67 -6.07
N SER A 26 -3.74 -23.83 -5.31
CA SER A 26 -5.17 -23.92 -5.17
C SER A 26 -5.66 -22.57 -4.70
N PHE A 27 -6.92 -22.25 -4.98
CA PHE A 27 -7.48 -20.97 -4.58
C PHE A 27 -7.47 -20.81 -3.07
N ALA A 28 -8.06 -21.78 -2.38
CA ALA A 28 -8.15 -21.75 -0.92
C ALA A 28 -6.83 -21.51 -0.20
N ALA A 29 -5.78 -22.23 -0.60
CA ALA A 29 -4.48 -22.09 0.04
C ALA A 29 -3.76 -20.78 -0.31
N LEU A 30 -3.86 -20.36 -1.57
CA LEU A 30 -3.24 -19.12 -2.00
C LEU A 30 -3.89 -17.95 -1.26
N LEU A 31 -5.20 -17.99 -1.14
CA LEU A 31 -5.92 -16.92 -0.47
C LEU A 31 -5.70 -16.90 1.05
N SER A 32 -5.62 -18.07 1.67
CA SER A 32 -5.38 -18.11 3.11
C SER A 32 -3.98 -17.55 3.37
N SER A 33 -3.05 -17.84 2.47
CA SER A 33 -1.70 -17.34 2.61
C SER A 33 -1.67 -15.84 2.37
N LEU A 34 -2.50 -15.36 1.44
CA LEU A 34 -2.55 -13.93 1.19
C LEU A 34 -3.15 -13.26 2.42
N ASN A 35 -4.17 -13.88 3.01
CA ASN A 35 -4.79 -13.31 4.20
C ASN A 35 -3.78 -13.23 5.33
N GLU A 36 -3.10 -14.35 5.60
CA GLU A 36 -2.10 -14.42 6.66
C GLU A 36 -0.98 -13.41 6.41
N LEU A 37 -0.48 -13.36 5.17
CA LEU A 37 0.58 -12.41 4.84
C LEU A 37 0.12 -10.98 5.12
N GLY A 38 -1.09 -10.65 4.66
CA GLY A 38 -1.61 -9.31 4.86
C GLY A 38 -1.62 -8.92 6.33
N GLU A 39 -2.04 -9.86 7.16
CA GLU A 39 -2.10 -9.65 8.60
C GLU A 39 -0.71 -9.48 9.21
N ARG A 40 0.26 -10.25 8.73
CA ARG A 40 1.61 -10.15 9.24
C ARG A 40 2.20 -8.80 8.88
N GLN A 41 1.95 -8.34 7.65
CA GLN A 41 2.48 -7.04 7.23
C GLN A 41 1.83 -5.90 8.01
N LEU A 42 0.57 -6.07 8.41
CA LEU A 42 -0.12 -5.05 9.18
C LEU A 42 0.58 -4.80 10.50
N VAL A 43 1.11 -5.86 11.11
CA VAL A 43 1.83 -5.72 12.37
C VAL A 43 2.98 -4.73 12.19
N HIS A 44 3.67 -4.85 11.06
CA HIS A 44 4.80 -3.98 10.74
C HIS A 44 4.37 -2.60 10.26
N VAL A 45 3.24 -2.52 9.55
CA VAL A 45 2.75 -1.23 9.06
C VAL A 45 2.41 -0.33 10.25
N VAL A 46 1.87 -0.93 11.30
CA VAL A 46 1.51 -0.19 12.50
C VAL A 46 2.76 0.32 13.21
N LYS A 47 3.77 -0.54 13.34
CA LYS A 47 5.03 -0.15 13.99
C LYS A 47 5.73 0.93 13.17
N TRP A 48 5.72 0.75 11.86
CA TRP A 48 6.30 1.71 10.93
C TRP A 48 5.59 3.04 11.10
N ALA A 49 4.28 3.04 10.90
CA ALA A 49 3.46 4.25 11.00
C ALA A 49 3.66 5.04 12.29
N LYS A 50 3.68 4.35 13.43
CA LYS A 50 3.85 5.02 14.71
C LYS A 50 5.22 5.64 14.92
N ALA A 51 6.21 5.20 14.14
CA ALA A 51 7.56 5.73 14.26
C ALA A 51 7.82 6.83 13.22
N LEU A 52 6.81 7.08 12.40
CA LEU A 52 6.88 8.09 11.34
C LEU A 52 6.89 9.49 11.96
N PRO A 53 7.74 10.40 11.44
CA PRO A 53 7.81 11.77 11.97
C PRO A 53 6.46 12.48 11.97
N GLY A 54 6.06 12.98 13.15
CA GLY A 54 4.80 13.70 13.27
C GLY A 54 3.54 12.86 13.42
N PHE A 55 3.64 11.57 13.17
CA PHE A 55 2.45 10.72 13.25
C PHE A 55 1.73 10.78 14.58
N ARG A 56 2.48 10.76 15.67
CA ARG A 56 1.91 10.81 17.02
C ARG A 56 1.09 12.07 17.28
N ASN A 57 1.23 13.07 16.41
CA ASN A 57 0.47 14.31 16.57
C ASN A 57 -1.00 14.06 16.31
N LEU A 58 -1.30 13.09 15.44
CA LEU A 58 -2.68 12.76 15.12
C LEU A 58 -3.40 12.23 16.34
N HIS A 59 -4.72 12.43 16.38
CA HIS A 59 -5.51 11.91 17.49
C HIS A 59 -5.37 10.39 17.43
N VAL A 60 -5.48 9.73 18.57
CA VAL A 60 -5.35 8.28 18.64
C VAL A 60 -6.29 7.53 17.70
N ASP A 61 -7.54 7.99 17.61
CA ASP A 61 -8.54 7.36 16.76
C ASP A 61 -8.21 7.58 15.28
N ASP A 62 -7.67 8.76 14.97
CA ASP A 62 -7.32 9.06 13.59
C ASP A 62 -6.13 8.19 13.15
N GLN A 63 -5.16 8.00 14.06
CA GLN A 63 -3.99 7.18 13.76
C GLN A 63 -4.41 5.79 13.29
N MET A 64 -5.27 5.15 14.07
CA MET A 64 -5.76 3.81 13.76
C MET A 64 -6.61 3.75 12.48
N ALA A 65 -7.50 4.73 12.31
CA ALA A 65 -8.38 4.77 11.14
C ALA A 65 -7.58 4.93 9.86
N VAL A 66 -6.62 5.83 9.89
CA VAL A 66 -5.78 6.11 8.74
C VAL A 66 -4.91 4.90 8.36
N ILE A 67 -4.46 4.15 9.35
CA ILE A 67 -3.66 2.97 9.07
C ILE A 67 -4.54 1.92 8.41
N GLN A 68 -5.69 1.65 9.01
CA GLN A 68 -6.62 0.66 8.47
C GLN A 68 -7.11 1.00 7.07
N TYR A 69 -7.38 2.28 6.77
CA TYR A 69 -7.84 2.65 5.43
C TYR A 69 -6.72 2.51 4.40
N SER A 70 -5.53 2.97 4.76
CA SER A 70 -4.36 2.95 3.89
C SER A 70 -3.66 1.60 3.76
N TRP A 71 -3.95 0.70 4.69
CA TRP A 71 -3.34 -0.63 4.73
C TRP A 71 -3.16 -1.32 3.37
N MET A 72 -4.22 -1.46 2.60
CA MET A 72 -4.13 -2.12 1.30
C MET A 72 -3.18 -1.41 0.34
N GLY A 73 -3.39 -0.13 0.14
CA GLY A 73 -2.55 0.63 -0.77
C GLY A 73 -1.06 0.56 -0.42
N LEU A 74 -0.75 0.70 0.87
CA LEU A 74 0.63 0.66 1.32
C LEU A 74 1.28 -0.67 0.96
N MET A 75 0.54 -1.77 1.09
CA MET A 75 1.07 -3.07 0.76
C MET A 75 1.27 -3.19 -0.75
N VAL A 76 0.31 -2.66 -1.52
CA VAL A 76 0.38 -2.69 -2.97
C VAL A 76 1.63 -1.97 -3.47
N PHE A 77 1.87 -0.78 -2.92
CA PHE A 77 3.01 0.04 -3.32
C PHE A 77 4.35 -0.62 -3.00
N ALA A 78 4.51 -1.11 -1.78
CA ALA A 78 5.76 -1.77 -1.40
C ALA A 78 5.94 -3.08 -2.20
N MET A 79 4.84 -3.78 -2.47
CA MET A 79 4.93 -5.04 -3.21
C MET A 79 5.41 -4.78 -4.63
N GLY A 80 4.89 -3.72 -5.25
CA GLY A 80 5.31 -3.37 -6.59
C GLY A 80 6.79 -3.04 -6.61
N TRP A 81 7.26 -2.36 -5.58
CA TRP A 81 8.67 -2.00 -5.50
C TRP A 81 9.51 -3.27 -5.32
N ARG A 82 9.09 -4.17 -4.43
CA ARG A 82 9.82 -5.41 -4.21
C ARG A 82 9.84 -6.24 -5.48
N SER A 83 8.74 -6.20 -6.23
CA SER A 83 8.64 -6.94 -7.47
C SER A 83 9.65 -6.41 -8.48
N PHE A 84 9.79 -5.08 -8.51
CA PHE A 84 10.71 -4.44 -9.43
C PHE A 84 12.17 -4.72 -9.09
N THR A 85 12.56 -4.42 -7.85
CA THR A 85 13.94 -4.64 -7.43
C THR A 85 14.37 -6.11 -7.40
N ASN A 86 13.51 -7.01 -6.90
CA ASN A 86 13.89 -8.42 -6.82
C ASN A 86 13.82 -9.25 -8.09
N VAL A 87 12.71 -9.15 -8.81
CA VAL A 87 12.52 -9.93 -10.04
C VAL A 87 12.27 -9.13 -11.30
N ASN A 88 12.67 -7.86 -11.28
CA ASN A 88 12.49 -6.96 -12.42
C ASN A 88 11.08 -7.04 -13.00
N SER A 89 10.10 -7.06 -12.11
CA SER A 89 8.69 -7.10 -12.51
C SER A 89 8.26 -8.36 -13.26
N ARG A 90 9.12 -9.36 -13.30
CA ARG A 90 8.79 -10.60 -14.00
C ARG A 90 7.63 -11.31 -13.30
N MET A 91 7.56 -11.17 -11.99
CA MET A 91 6.50 -11.79 -11.20
C MET A 91 6.17 -10.83 -10.06
N LEU A 92 5.10 -11.12 -9.33
CA LEU A 92 4.72 -10.29 -8.20
C LEU A 92 5.32 -10.92 -6.95
N TYR A 93 6.24 -10.20 -6.34
CA TYR A 93 6.96 -10.63 -5.13
C TYR A 93 6.17 -10.26 -3.87
N PHE A 94 5.08 -10.98 -3.59
CA PHE A 94 4.30 -10.69 -2.40
C PHE A 94 5.18 -10.91 -1.18
N ALA A 95 5.96 -11.98 -1.23
CA ALA A 95 6.89 -12.33 -0.16
C ALA A 95 7.84 -13.36 -0.75
N PRO A 96 9.01 -13.55 -0.13
CA PRO A 96 9.98 -14.51 -0.64
C PRO A 96 9.37 -15.89 -0.86
N ASP A 97 8.42 -16.26 -0.01
CA ASP A 97 7.75 -17.55 -0.10
C ASP A 97 6.34 -17.45 -0.70
N LEU A 98 6.07 -16.36 -1.40
CA LEU A 98 4.78 -16.17 -2.04
C LEU A 98 4.97 -15.27 -3.24
N VAL A 99 5.50 -15.87 -4.31
CA VAL A 99 5.77 -15.16 -5.55
C VAL A 99 4.77 -15.66 -6.59
N PHE A 100 4.04 -14.73 -7.18
CA PHE A 100 3.02 -15.06 -8.18
C PHE A 100 3.46 -15.00 -9.64
N ASN A 101 3.29 -16.09 -10.36
CA ASN A 101 3.56 -16.09 -11.79
C ASN A 101 2.14 -15.89 -12.37
N GLU A 102 1.99 -15.88 -13.69
CA GLU A 102 0.66 -15.68 -14.27
C GLU A 102 -0.33 -16.76 -13.86
N TYR A 103 0.15 -18.00 -13.78
CA TYR A 103 -0.71 -19.12 -13.39
C TYR A 103 -1.33 -18.87 -12.02
N ARG A 104 -0.50 -18.41 -11.09
CA ARG A 104 -0.98 -18.13 -9.73
C ARG A 104 -1.88 -16.89 -9.73
N MET A 105 -1.58 -15.91 -10.57
CA MET A 105 -2.40 -14.72 -10.66
C MET A 105 -3.81 -15.18 -11.08
N HIS A 106 -3.86 -16.08 -12.05
CA HIS A 106 -5.11 -16.61 -12.55
C HIS A 106 -5.82 -17.50 -11.54
N LYS A 107 -5.06 -18.35 -10.86
CA LYS A 107 -5.67 -19.24 -9.88
C LYS A 107 -6.18 -18.52 -8.62
N SER A 108 -5.61 -17.36 -8.32
CA SER A 108 -6.04 -16.62 -7.13
C SER A 108 -7.35 -15.88 -7.39
N ARG A 109 -7.76 -15.86 -8.65
CA ARG A 109 -8.99 -15.19 -9.07
C ARG A 109 -8.85 -13.67 -8.92
N MET A 110 -7.61 -13.20 -8.78
CA MET A 110 -7.34 -11.77 -8.65
C MET A 110 -6.47 -11.35 -9.83
N TYR A 111 -6.68 -11.96 -10.98
CA TYR A 111 -5.87 -11.68 -12.15
C TYR A 111 -5.80 -10.23 -12.65
N SER A 112 -6.95 -9.58 -12.79
CA SER A 112 -6.92 -8.18 -13.26
C SER A 112 -6.14 -7.28 -12.31
N GLN A 113 -6.32 -7.48 -11.01
CA GLN A 113 -5.63 -6.67 -10.01
C GLN A 113 -4.13 -6.94 -10.08
N CYS A 114 -3.76 -8.21 -10.12
CA CYS A 114 -2.35 -8.58 -10.20
C CYS A 114 -1.66 -7.99 -11.42
N VAL A 115 -2.33 -8.00 -12.57
CA VAL A 115 -1.75 -7.46 -13.79
C VAL A 115 -1.51 -5.96 -13.62
N ARG A 116 -2.45 -5.28 -12.98
CA ARG A 116 -2.32 -3.84 -12.75
C ARG A 116 -1.13 -3.55 -11.84
N MET A 117 -0.91 -4.42 -10.85
CA MET A 117 0.22 -4.24 -9.93
C MET A 117 1.55 -4.57 -10.63
N ARG A 118 1.51 -5.42 -11.64
CA ARG A 118 2.71 -5.78 -12.38
C ARG A 118 3.11 -4.57 -13.21
N HIS A 119 2.11 -3.87 -13.76
CA HIS A 119 2.36 -2.68 -14.56
C HIS A 119 2.96 -1.60 -13.65
N LEU A 120 2.45 -1.51 -12.43
CA LEU A 120 2.93 -0.53 -11.44
C LEU A 120 4.40 -0.84 -11.15
N SER A 121 4.68 -2.13 -11.00
CA SER A 121 6.03 -2.59 -10.73
C SER A 121 6.97 -2.10 -11.82
N GLN A 122 6.51 -2.20 -13.07
CA GLN A 122 7.32 -1.78 -14.21
C GLN A 122 7.52 -0.26 -14.21
N GLU A 123 6.52 0.43 -13.69
CA GLU A 123 6.56 1.89 -13.59
C GLU A 123 7.77 2.33 -12.78
N PHE A 124 8.04 1.64 -11.68
CA PHE A 124 9.18 1.98 -10.84
C PHE A 124 10.46 2.02 -11.68
N GLY A 125 10.55 1.08 -12.61
CA GLY A 125 11.72 1.02 -13.49
C GLY A 125 11.69 2.04 -14.60
N TRP A 126 10.58 2.10 -15.33
CA TRP A 126 10.45 3.04 -16.43
C TRP A 126 10.66 4.49 -15.96
N LEU A 127 10.12 4.82 -14.79
CA LEU A 127 10.26 6.17 -14.24
C LEU A 127 11.56 6.34 -13.43
N GLN A 128 12.34 5.26 -13.33
CA GLN A 128 13.60 5.30 -12.59
C GLN A 128 13.40 5.87 -11.17
N ILE A 129 12.43 5.31 -10.46
CA ILE A 129 12.12 5.74 -9.11
C ILE A 129 13.30 5.38 -8.21
N THR A 130 13.76 6.34 -7.41
CA THR A 130 14.89 6.10 -6.52
C THR A 130 14.39 5.55 -5.19
N PRO A 131 15.27 4.87 -4.44
CA PRO A 131 14.88 4.30 -3.14
C PRO A 131 14.34 5.36 -2.18
N GLN A 132 14.83 6.60 -2.33
CA GLN A 132 14.40 7.68 -1.47
C GLN A 132 13.04 8.24 -1.93
N GLU A 133 12.81 8.34 -3.24
CA GLU A 133 11.52 8.82 -3.72
C GLU A 133 10.48 7.81 -3.30
N PHE A 134 10.84 6.53 -3.40
CA PHE A 134 9.95 5.45 -3.01
C PHE A 134 9.55 5.55 -1.54
N LEU A 135 10.55 5.68 -0.66
CA LEU A 135 10.31 5.78 0.77
C LEU A 135 9.39 6.95 1.14
N CYS A 136 9.59 8.10 0.49
CA CYS A 136 8.78 9.26 0.80
C CYS A 136 7.39 9.15 0.20
N MET A 137 7.33 8.61 -1.02
CA MET A 137 6.03 8.45 -1.67
C MET A 137 5.19 7.47 -0.87
N LYS A 138 5.83 6.47 -0.27
CA LYS A 138 5.10 5.48 0.52
C LYS A 138 4.54 6.10 1.79
N ALA A 139 5.33 6.94 2.47
CA ALA A 139 4.87 7.60 3.68
C ALA A 139 3.69 8.50 3.34
N LEU A 140 3.77 9.17 2.19
CA LEU A 140 2.70 10.06 1.73
C LEU A 140 1.40 9.28 1.54
N LEU A 141 1.53 8.07 0.99
CA LEU A 141 0.37 7.21 0.77
C LEU A 141 -0.44 7.03 2.03
N LEU A 142 0.23 6.89 3.17
CA LEU A 142 -0.45 6.72 4.45
C LEU A 142 -1.37 7.90 4.76
N PHE A 143 -1.08 9.06 4.17
CA PHE A 143 -1.90 10.25 4.41
C PHE A 143 -2.66 10.64 3.13
N SER A 144 -3.17 9.64 2.42
CA SER A 144 -3.88 9.89 1.16
C SER A 144 -5.31 9.36 1.07
N ILE A 145 -5.94 9.10 2.21
CA ILE A 145 -7.31 8.62 2.21
C ILE A 145 -8.02 9.03 3.51
N ILE A 146 -9.05 9.87 3.39
CA ILE A 146 -9.79 10.37 4.55
C ILE A 146 -11.31 10.29 4.44
N PRO A 147 -12.00 10.34 5.60
CA PRO A 147 -13.46 10.27 5.68
C PRO A 147 -14.07 11.62 5.31
N VAL A 148 -15.18 11.60 4.57
CA VAL A 148 -15.86 12.83 4.20
C VAL A 148 -16.31 13.60 5.45
N ASP A 149 -16.78 12.88 6.46
CA ASP A 149 -17.24 13.50 7.70
C ASP A 149 -16.06 14.09 8.49
N GLY A 150 -14.85 13.89 7.99
CA GLY A 150 -13.68 14.42 8.66
C GLY A 150 -13.16 13.58 9.80
N LEU A 151 -11.87 13.75 10.11
CA LEU A 151 -11.22 13.03 11.21
C LEU A 151 -11.46 13.79 12.50
N LYS A 152 -11.05 13.20 13.63
CA LYS A 152 -11.19 13.84 14.94
C LYS A 152 -10.43 15.16 14.95
N ASN A 153 -9.21 15.11 14.41
CA ASN A 153 -8.36 16.30 14.32
C ASN A 153 -7.93 16.50 12.88
N GLN A 154 -8.85 17.01 12.06
CA GLN A 154 -8.55 17.21 10.65
C GLN A 154 -7.38 18.16 10.41
N LYS A 155 -7.31 19.24 11.17
CA LYS A 155 -6.23 20.21 10.99
C LYS A 155 -4.84 19.60 11.16
N PHE A 156 -4.66 18.76 12.17
CA PHE A 156 -3.36 18.13 12.38
C PHE A 156 -3.03 17.28 11.17
N PHE A 157 -4.04 16.56 10.67
CA PHE A 157 -3.85 15.70 9.52
C PHE A 157 -3.38 16.49 8.30
N ASP A 158 -4.07 17.59 8.00
CA ASP A 158 -3.71 18.41 6.84
C ASP A 158 -2.29 18.96 6.93
N GLU A 159 -1.89 19.40 8.13
CA GLU A 159 -0.55 19.93 8.32
C GLU A 159 0.47 18.84 8.00
N LEU A 160 0.27 17.68 8.61
CA LEU A 160 1.16 16.55 8.41
C LEU A 160 1.26 16.16 6.94
N ARG A 161 0.12 16.03 6.27
CA ARG A 161 0.11 15.66 4.86
C ARG A 161 0.87 16.68 4.05
N MET A 162 0.67 17.95 4.38
CA MET A 162 1.35 19.04 3.69
C MET A 162 2.87 18.98 3.89
N ASN A 163 3.29 18.66 5.11
CA ASN A 163 4.71 18.56 5.39
C ASN A 163 5.33 17.39 4.63
N TYR A 164 4.59 16.29 4.46
CA TYR A 164 5.14 15.17 3.73
C TYR A 164 5.26 15.50 2.24
N ILE A 165 4.33 16.30 1.73
CA ILE A 165 4.40 16.71 0.33
C ILE A 165 5.63 17.60 0.18
N LYS A 166 5.87 18.44 1.18
CA LYS A 166 7.01 19.35 1.17
C LYS A 166 8.32 18.56 1.14
N GLU A 167 8.36 17.44 1.84
CA GLU A 167 9.56 16.60 1.86
C GLU A 167 9.76 15.96 0.49
N LEU A 168 8.66 15.61 -0.19
CA LEU A 168 8.77 15.01 -1.51
C LEU A 168 9.37 16.05 -2.46
N ASP A 169 8.96 17.30 -2.27
CA ASP A 169 9.45 18.42 -3.07
C ASP A 169 10.97 18.52 -2.93
N ARG A 170 11.44 18.42 -1.69
CA ARG A 170 12.86 18.50 -1.39
C ARG A 170 13.65 17.37 -2.01
N ILE A 171 13.14 16.15 -1.89
CA ILE A 171 13.81 14.99 -2.48
C ILE A 171 13.89 15.17 -3.99
N ILE A 172 12.87 15.79 -4.56
CA ILE A 172 12.82 16.03 -6.01
C ILE A 172 13.76 17.16 -6.42
N ALA A 173 13.84 18.20 -5.61
CA ALA A 173 14.70 19.36 -5.91
C ALA A 173 16.17 19.04 -5.69
N CYS A 174 16.44 18.11 -4.79
CA CYS A 174 17.81 17.72 -4.50
C CYS A 174 18.47 17.27 -5.79
N LYS A 175 19.26 18.16 -6.38
CA LYS A 175 19.99 17.90 -7.62
C LYS A 175 19.19 18.20 -8.89
N ARG A 176 18.32 19.20 -8.79
CA ARG A 176 17.50 19.64 -9.91
C ARG A 176 17.33 21.15 -9.81
N LYS A 177 18.31 21.89 -10.30
CA LYS A 177 18.22 23.34 -10.24
C LYS A 177 17.26 23.88 -11.30
N ASN A 178 16.79 22.99 -12.17
CA ASN A 178 15.86 23.36 -13.23
C ASN A 178 14.41 23.19 -12.78
N PRO A 179 13.72 24.30 -12.48
CA PRO A 179 12.33 24.26 -12.03
C PRO A 179 11.44 23.39 -12.92
N THR A 180 11.66 23.48 -14.22
CA THR A 180 10.89 22.70 -15.19
C THR A 180 11.13 21.22 -14.96
N SER A 181 12.35 20.89 -14.52
CA SER A 181 12.72 19.51 -14.26
C SER A 181 12.01 18.99 -13.00
N CYS A 182 11.93 19.84 -11.97
CA CYS A 182 11.26 19.48 -10.73
C CYS A 182 9.76 19.29 -10.96
N SER A 183 9.16 20.21 -11.72
CA SER A 183 7.73 20.16 -12.03
C SER A 183 7.35 18.88 -12.76
N ARG A 184 8.12 18.51 -13.77
CA ARG A 184 7.79 17.29 -14.52
C ARG A 184 7.91 16.05 -13.62
N ARG A 185 8.86 16.06 -12.71
CA ARG A 185 9.06 14.92 -11.82
C ARG A 185 7.90 14.80 -10.83
N PHE A 186 7.48 15.94 -10.29
CA PHE A 186 6.39 15.97 -9.34
C PHE A 186 5.14 15.46 -10.05
N TYR A 187 5.01 15.82 -11.32
CA TYR A 187 3.87 15.37 -12.09
C TYR A 187 3.89 13.84 -12.19
N GLN A 188 5.03 13.30 -12.59
CA GLN A 188 5.18 11.86 -12.74
C GLN A 188 4.88 11.08 -11.46
N LEU A 189 5.44 11.55 -10.35
CA LEU A 189 5.27 10.89 -9.06
C LEU A 189 3.86 10.94 -8.49
N THR A 190 3.20 12.07 -8.59
CA THR A 190 1.84 12.19 -8.08
C THR A 190 0.91 11.36 -8.98
N LYS A 191 1.28 11.22 -10.25
CA LYS A 191 0.49 10.44 -11.18
C LYS A 191 0.64 8.96 -10.78
N LEU A 192 1.86 8.57 -10.43
CA LEU A 192 2.11 7.19 -10.02
C LEU A 192 1.38 6.88 -8.72
N LEU A 193 1.42 7.80 -7.76
CA LEU A 193 0.74 7.60 -6.47
C LEU A 193 -0.77 7.48 -6.62
N ASP A 194 -1.36 8.23 -7.55
CA ASP A 194 -2.80 8.18 -7.77
C ASP A 194 -3.19 6.82 -8.34
N SER A 195 -2.33 6.25 -9.18
CA SER A 195 -2.60 4.96 -9.80
C SER A 195 -2.74 3.82 -8.79
N VAL A 196 -2.19 4.01 -7.60
CA VAL A 196 -2.26 3.00 -6.56
C VAL A 196 -3.68 2.81 -6.01
N GLN A 197 -4.40 3.93 -5.87
CA GLN A 197 -5.76 3.91 -5.32
C GLN A 197 -6.75 3.01 -6.05
N PRO A 198 -6.89 3.15 -7.39
CA PRO A 198 -7.82 2.30 -8.13
C PRO A 198 -7.50 0.83 -7.98
N ILE A 199 -6.22 0.51 -7.80
CA ILE A 199 -5.80 -0.88 -7.62
C ILE A 199 -6.24 -1.38 -6.26
N ALA A 200 -6.04 -0.55 -5.23
CA ALA A 200 -6.44 -0.93 -3.87
C ALA A 200 -7.96 -1.06 -3.79
N ARG A 201 -8.67 -0.28 -4.60
CA ARG A 201 -10.12 -0.33 -4.62
C ARG A 201 -10.60 -1.68 -5.17
N GLU A 202 -9.96 -2.15 -6.24
CA GLU A 202 -10.35 -3.44 -6.81
C GLU A 202 -10.04 -4.58 -5.85
N LEU A 203 -8.99 -4.44 -5.04
CA LEU A 203 -8.64 -5.47 -4.08
C LEU A 203 -9.62 -5.41 -2.90
N HIS A 204 -9.99 -4.20 -2.52
CA HIS A 204 -10.94 -4.02 -1.43
C HIS A 204 -12.26 -4.70 -1.81
N GLN A 205 -12.77 -4.35 -2.99
CA GLN A 205 -14.03 -4.92 -3.49
C GLN A 205 -13.97 -6.43 -3.54
N PHE A 206 -12.88 -6.95 -4.11
CA PHE A 206 -12.69 -8.39 -4.22
C PHE A 206 -12.70 -9.07 -2.85
N THR A 207 -11.92 -8.54 -1.92
CA THR A 207 -11.85 -9.12 -0.59
C THR A 207 -13.18 -9.05 0.13
N PHE A 208 -13.90 -7.95 -0.05
CA PHE A 208 -15.19 -7.81 0.59
C PHE A 208 -16.14 -8.91 0.10
N ASP A 209 -16.25 -9.05 -1.21
CA ASP A 209 -17.14 -10.09 -1.75
C ASP A 209 -16.72 -11.46 -1.22
N LEU A 210 -15.41 -11.70 -1.20
CA LEU A 210 -14.87 -12.96 -0.72
C LEU A 210 -15.28 -13.22 0.74
N LEU A 211 -15.13 -12.21 1.60
CA LEU A 211 -15.51 -12.37 3.00
C LEU A 211 -16.97 -12.80 3.14
N ILE A 212 -17.86 -12.10 2.43
CA ILE A 212 -19.28 -12.40 2.48
C ILE A 212 -19.59 -13.86 2.13
N LYS A 213 -18.78 -14.46 1.26
CA LYS A 213 -19.01 -15.85 0.88
C LYS A 213 -17.85 -16.74 1.29
N SER A 214 -17.03 -16.26 2.22
CA SER A 214 -15.86 -17.00 2.69
C SER A 214 -16.18 -18.45 3.06
N HIS A 215 -17.32 -18.66 3.71
CA HIS A 215 -17.74 -19.99 4.13
C HIS A 215 -18.13 -20.87 2.94
N MET A 216 -18.23 -20.26 1.77
CA MET A 216 -18.62 -20.97 0.55
C MET A 216 -17.41 -21.37 -0.31
N VAL A 217 -16.23 -20.85 0.03
CA VAL A 217 -15.03 -21.17 -0.74
C VAL A 217 -13.88 -21.69 0.12
N SER A 218 -14.15 -21.92 1.41
CA SER A 218 -13.16 -22.43 2.34
C SER A 218 -11.96 -21.52 2.59
N VAL A 219 -12.21 -20.21 2.66
CA VAL A 219 -11.14 -19.25 2.91
C VAL A 219 -11.09 -18.91 4.40
N ASP A 220 -9.89 -18.95 4.97
CA ASP A 220 -9.71 -18.66 6.39
C ASP A 220 -9.35 -17.19 6.60
N PHE A 221 -10.29 -16.42 7.14
CA PHE A 221 -10.04 -15.01 7.40
C PHE A 221 -9.60 -14.77 8.83
N PRO A 222 -8.40 -14.20 9.01
CA PRO A 222 -7.88 -13.91 10.34
C PRO A 222 -8.82 -12.97 11.10
N GLU A 223 -8.67 -12.94 12.41
CA GLU A 223 -9.50 -12.10 13.27
C GLU A 223 -9.51 -10.63 12.85
N MET A 224 -8.39 -9.95 13.07
CA MET A 224 -8.28 -8.53 12.74
C MET A 224 -8.70 -8.17 11.33
N MET A 225 -8.35 -9.00 10.36
CA MET A 225 -8.70 -8.70 8.97
C MET A 225 -10.21 -8.71 8.76
N ALA A 226 -10.89 -9.77 9.22
CA ALA A 226 -12.35 -9.87 9.06
C ALA A 226 -13.05 -8.65 9.65
N GLU A 227 -12.56 -8.22 10.81
CA GLU A 227 -13.14 -7.08 11.50
C GLU A 227 -12.95 -5.81 10.68
N ILE A 228 -11.73 -5.60 10.22
CA ILE A 228 -11.43 -4.42 9.42
C ILE A 228 -12.19 -4.38 8.11
N ILE A 229 -12.31 -5.54 7.46
CA ILE A 229 -13.02 -5.64 6.19
C ILE A 229 -14.51 -5.37 6.34
N SER A 230 -15.09 -5.81 7.45
CA SER A 230 -16.51 -5.64 7.70
C SER A 230 -16.89 -4.29 8.32
N VAL A 231 -15.90 -3.58 8.86
CA VAL A 231 -16.16 -2.28 9.49
C VAL A 231 -15.62 -1.10 8.70
N GLN A 232 -14.36 -1.21 8.25
CA GLN A 232 -13.71 -0.13 7.53
C GLN A 232 -13.86 -0.15 6.01
N VAL A 233 -13.60 -1.28 5.39
CA VAL A 233 -13.71 -1.38 3.93
C VAL A 233 -15.09 -0.96 3.41
N PRO A 234 -16.17 -1.30 4.11
CA PRO A 234 -17.51 -0.91 3.65
C PRO A 234 -17.65 0.62 3.57
N LYS A 235 -16.92 1.34 4.43
CA LYS A 235 -16.96 2.80 4.43
C LYS A 235 -16.32 3.34 3.15
N ILE A 236 -15.29 2.64 2.68
CA ILE A 236 -14.60 3.06 1.46
C ILE A 236 -15.44 2.75 0.22
N LEU A 237 -15.97 1.53 0.15
CA LEU A 237 -16.76 1.10 -0.98
C LEU A 237 -18.08 1.88 -1.09
N SER A 238 -18.62 2.32 0.05
CA SER A 238 -19.89 3.06 0.04
C SER A 238 -19.66 4.56 -0.18
N GLY A 239 -18.40 4.97 -0.19
CA GLY A 239 -18.07 6.36 -0.42
C GLY A 239 -17.99 7.29 0.77
N LYS A 240 -18.05 6.74 1.99
CA LYS A 240 -17.96 7.59 3.18
C LYS A 240 -16.51 7.99 3.44
N VAL A 241 -15.59 7.13 3.00
CA VAL A 241 -14.16 7.37 3.15
C VAL A 241 -13.57 7.36 1.75
N LYS A 242 -12.90 8.44 1.36
CA LYS A 242 -12.35 8.51 0.02
C LYS A 242 -10.87 8.87 -0.05
N PRO A 243 -10.20 8.41 -1.12
CA PRO A 243 -8.77 8.71 -1.27
C PRO A 243 -8.59 10.14 -1.76
N ILE A 244 -7.43 10.71 -1.44
CA ILE A 244 -7.13 12.05 -1.86
C ILE A 244 -6.29 11.91 -3.11
N TYR A 245 -6.85 12.33 -4.24
CA TYR A 245 -6.14 12.27 -5.50
C TYR A 245 -5.49 13.62 -5.74
N PHE A 246 -4.42 13.62 -6.53
CA PHE A 246 -3.72 14.85 -6.87
C PHE A 246 -4.32 15.37 -8.17
N HIS A 247 -4.63 14.45 -9.07
CA HIS A 247 -5.16 14.80 -10.37
C HIS A 247 -6.64 14.56 -10.51
C21 B5R B . -8.17 -6.80 2.22
C20 B5R B . -8.71 -5.69 2.86
F20 B5R B . -10.00 -5.40 2.63
C19 B5R B . -7.90 -4.91 3.68
CL19 B5R B . -8.48 -3.48 4.46
C18 B5R B . -6.57 -5.27 3.88
C17 B5R B . -6.03 -6.38 3.24
C16 B5R B . -6.83 -7.15 2.41
O14 B5R B . -6.28 -8.10 1.61
C13 B5R B . -6.35 -9.43 2.16
C11 B5R B . -5.83 -10.36 1.06
O11 B5R B . -5.36 -11.56 1.67
C12 B5R B . -6.96 -10.67 0.07
C10 B5R B . -4.68 -9.65 0.35
O10 B5R B . -4.88 -8.96 -0.65
N9 B5R B . -3.49 -9.82 0.93
C6 B5R B . -2.34 -9.30 0.52
C5 B5R B . -2.22 -8.41 -0.54
C1 B5R B . -1.21 -9.61 1.28
C2 B5R B . 0.01 -9.01 0.96
C3 B5R B . 0.10 -8.12 -0.10
C8 B5R B . 1.41 -7.56 -0.34
N8 B5R B . 2.45 -7.14 -0.52
C4 B5R B . -1.01 -7.79 -0.87
C7 B5R B . -0.97 -6.76 -2.01
F2 B5R B . 0.13 -6.83 -2.76
F1 B5R B . -1.98 -6.88 -2.86
F3 B5R B . -1.02 -5.52 -1.50
#